data_7NH7
#
_entry.id   7NH7
#
_cell.length_a   61.945
_cell.length_b   61.945
_cell.length_c   109.717
_cell.angle_alpha   90.000
_cell.angle_beta   90.000
_cell.angle_gamma   120.000
#
_symmetry.space_group_name_H-M   'P 31'
#
loop_
_entity.id
_entity.type
_entity.pdbx_description
1 polymer 'Replicase polyprotein 1ab'
2 polymer 'Replicase polyprotein 1a'
3 non-polymer SINEFUNGIN
4 non-polymer 'ZINC ION'
5 water water
#
loop_
_entity_poly.entity_id
_entity_poly.type
_entity_poly.pdbx_seq_one_letter_code
_entity_poly.pdbx_strand_id
1 'polypeptide(L)'
;AASDWKPGYSMPVLYKYLNSPMERVSLWNYGKPVTLPTGCMMNVAKYTQLCQYLNTTTLAVPVNMRVLHLGAGSEKGVAP
GSAVLRQWLPAGTILVDNDLYPFVSDSVATYFGDCITLPFDCQWDLIISDMYDPITKNIGEYNVSKDGFFTYICHMIRDK
LALGGSVAIKITEFSWNAELYKLMGYFAFWTVFCTNANASSSEGFLIGINYLCKPKVEIDGNVMHANYLFWRNSTVWNGG
AYSLFDMAKFPLKLAGTAVINLRADQINDMVYSLLEKGKLLIRDTNKEVFVGDSLVNVI
;
A
2 'polypeptide(L)'
;NSSILSLCAFSVDPKKTYLDFIQQGGTPIANCVKMLCDHAGTGMAITVKPDATTSQDSYGGASVCIYCRARVEHPDVDGL
CKLRGKFVQVPVGIKDPVSYVLTHDVCRVCGFWRDGSCSCVS
;
B
#
# COMPACT_ATOMS: atom_id res chain seq x y z
N ALA A 1 16.97 21.59 2.60
CA ALA A 1 15.75 22.25 3.05
C ALA A 1 15.00 21.40 4.08
N ALA A 2 14.51 22.06 5.14
CA ALA A 2 13.85 21.34 6.22
C ALA A 2 12.62 20.58 5.74
N SER A 3 11.86 21.18 4.82
CA SER A 3 10.63 20.55 4.37
C SER A 3 10.86 19.22 3.67
N ASP A 4 12.09 18.96 3.22
CA ASP A 4 12.43 17.69 2.60
C ASP A 4 12.36 16.52 3.57
N TRP A 5 12.27 16.80 4.88
CA TRP A 5 12.34 15.77 5.91
C TRP A 5 10.97 15.26 6.37
N LYS A 6 9.90 15.90 5.95
CA LYS A 6 8.60 15.35 6.26
C LYS A 6 8.22 14.29 5.23
N PRO A 7 7.25 13.45 5.54
CA PRO A 7 6.81 12.44 4.56
C PRO A 7 6.32 13.05 3.27
N GLY A 8 5.74 14.25 3.34
CA GLY A 8 5.28 14.93 2.14
C GLY A 8 4.50 16.18 2.49
N TYR A 9 3.63 16.59 1.56
CA TYR A 9 2.85 17.82 1.70
C TYR A 9 1.38 17.54 1.49
N SER A 10 0.54 18.15 2.32
CA SER A 10 -0.92 18.08 2.13
C SER A 10 -1.46 19.45 1.72
N MET A 11 -2.50 19.43 0.89
CA MET A 11 -3.12 20.64 0.36
C MET A 11 -3.46 21.62 1.49
N PRO A 12 -2.92 22.84 1.47
CA PRO A 12 -3.39 23.85 2.42
C PRO A 12 -4.88 24.10 2.25
N VAL A 13 -5.55 24.34 3.38
CA VAL A 13 -7.01 24.47 3.38
C VAL A 13 -7.45 25.60 2.46
N LEU A 14 -6.73 26.72 2.45
CA LEU A 14 -7.19 27.88 1.69
C LEU A 14 -7.36 27.52 0.22
N TYR A 15 -6.44 26.71 -0.33
CA TYR A 15 -6.57 26.31 -1.72
C TYR A 15 -7.88 25.58 -1.97
N LYS A 16 -8.37 24.86 -0.96
CA LYS A 16 -9.60 24.11 -1.11
C LYS A 16 -10.79 25.03 -1.30
N TYR A 17 -10.64 26.32 -0.99
CA TYR A 17 -11.72 27.29 -1.07
C TYR A 17 -11.66 28.16 -2.32
N LEU A 18 -10.71 27.92 -3.21
CA LEU A 18 -10.54 28.80 -4.35
C LEU A 18 -11.45 28.35 -5.49
N ASN A 19 -11.38 29.07 -6.60
CA ASN A 19 -12.18 28.83 -7.80
C ASN A 19 -11.25 28.85 -9.00
N SER A 20 -10.17 28.09 -8.88
CA SER A 20 -9.04 28.16 -9.81
C SER A 20 -9.47 27.75 -11.22
N PRO A 21 -8.95 28.43 -12.25
CA PRO A 21 -9.12 27.92 -13.62
C PRO A 21 -8.26 26.69 -13.85
N MET A 22 -8.74 25.80 -14.72
CA MET A 22 -7.95 24.63 -15.07
C MET A 22 -6.77 25.00 -15.97
N GLU A 23 -5.58 24.51 -15.61
CA GLU A 23 -4.34 24.80 -16.33
C GLU A 23 -3.41 23.60 -16.27
N ARG A 24 -2.50 23.51 -17.25
CA ARG A 24 -1.45 22.49 -17.19
C ARG A 24 -0.65 22.67 -15.92
N VAL A 25 -0.18 21.56 -15.38
CA VAL A 25 0.80 21.62 -14.31
C VAL A 25 2.16 21.91 -14.93
N SER A 26 2.97 22.68 -14.22
CA SER A 26 4.38 22.86 -14.59
C SER A 26 5.17 22.88 -13.31
N LEU A 27 5.87 21.80 -13.02
CA LEU A 27 6.75 21.73 -11.86
C LEU A 27 8.13 22.27 -12.22
N TRP A 28 8.75 22.92 -11.25
CA TRP A 28 10.06 23.54 -11.40
C TRP A 28 11.20 22.53 -11.29
N ASN A 29 10.91 21.26 -11.00
CA ASN A 29 11.88 20.32 -10.44
C ASN A 29 11.96 19.02 -11.22
N TYR A 30 11.79 19.05 -12.55
CA TYR A 30 11.71 17.79 -13.28
C TYR A 30 13.03 17.00 -13.30
N GLY A 31 14.14 17.61 -12.86
CA GLY A 31 15.38 16.86 -12.78
C GLY A 31 15.48 15.83 -11.69
N LYS A 32 14.44 15.69 -10.85
CA LYS A 32 14.30 14.61 -9.86
C LYS A 32 15.51 14.50 -8.94
N PRO A 33 15.89 15.57 -8.25
CA PRO A 33 17.07 15.54 -7.35
C PRO A 33 16.79 14.91 -5.98
N VAL A 34 16.43 13.62 -5.97
CA VAL A 34 16.26 12.90 -4.71
C VAL A 34 16.88 11.52 -4.82
N THR A 35 17.57 11.10 -3.76
CA THR A 35 18.10 9.76 -3.64
C THR A 35 17.22 8.93 -2.70
N LEU A 36 17.17 7.63 -2.96
CA LEU A 36 16.42 6.68 -2.16
C LEU A 36 17.38 5.85 -1.32
N PRO A 37 17.06 5.60 -0.04
CA PRO A 37 17.89 4.70 0.76
C PRO A 37 18.31 3.45 0.00
N THR A 38 19.50 2.92 0.30
CA THR A 38 20.13 1.93 -0.57
C THR A 38 19.19 0.78 -0.89
N GLY A 39 19.09 0.45 -2.18
CA GLY A 39 18.32 -0.70 -2.62
C GLY A 39 16.82 -0.54 -2.58
N CYS A 40 16.32 0.68 -2.44
CA CYS A 40 14.92 0.92 -2.11
C CYS A 40 14.11 1.24 -3.36
N MET A 41 13.10 0.41 -3.65
CA MET A 41 12.17 0.68 -4.74
C MET A 41 11.40 1.97 -4.51
N MET A 42 11.12 2.67 -5.61
CA MET A 42 10.39 3.94 -5.52
C MET A 42 9.04 3.78 -4.81
N ASN A 43 8.27 2.77 -5.17
CA ASN A 43 6.94 2.63 -4.57
C ASN A 43 7.00 2.19 -3.11
N VAL A 44 8.08 1.53 -2.69
CA VAL A 44 8.24 1.28 -1.26
C VAL A 44 8.39 2.59 -0.51
N ALA A 45 9.25 3.49 -1.01
CA ALA A 45 9.39 4.82 -0.43
C ALA A 45 8.07 5.58 -0.48
N LYS A 46 7.40 5.54 -1.64
CA LYS A 46 6.15 6.27 -1.82
C LYS A 46 5.07 5.79 -0.86
N TYR A 47 4.78 4.48 -0.84
CA TYR A 47 3.76 3.98 0.08
C TYR A 47 4.15 4.22 1.53
N THR A 48 5.44 4.05 1.86
CA THR A 48 5.86 4.28 3.24
C THR A 48 5.57 5.71 3.66
N GLN A 49 5.88 6.68 2.80
CA GLN A 49 5.60 8.09 3.13
C GLN A 49 4.10 8.35 3.24
N LEU A 50 3.30 7.71 2.39
CA LEU A 50 1.84 7.83 2.52
C LEU A 50 1.36 7.32 3.87
N CYS A 51 1.83 6.14 4.29
CA CYS A 51 1.43 5.61 5.60
C CYS A 51 1.94 6.49 6.74
N GLN A 52 3.11 7.12 6.57
CA GLN A 52 3.59 8.04 7.59
C GLN A 52 2.62 9.21 7.76
N TYR A 53 2.09 9.74 6.65
CA TYR A 53 1.07 10.77 6.76
C TYR A 53 -0.20 10.20 7.41
N LEU A 54 -0.64 9.02 6.98
CA LEU A 54 -1.87 8.49 7.55
C LEU A 54 -1.73 8.20 9.03
N ASN A 55 -0.51 7.98 9.52
CA ASN A 55 -0.30 7.85 10.96
C ASN A 55 -0.73 9.09 11.73
N THR A 56 -0.80 10.26 11.09
CA THR A 56 -1.17 11.48 11.80
C THR A 56 -2.66 11.81 11.73
N THR A 57 -3.48 10.96 11.12
CA THR A 57 -4.90 11.22 10.97
C THR A 57 -5.69 10.44 12.01
N THR A 58 -7.00 10.69 12.05
CA THR A 58 -7.88 9.91 12.94
C THR A 58 -8.39 8.66 12.26
N LEU A 59 -7.49 7.90 11.65
CA LEU A 59 -7.86 6.66 10.99
C LEU A 59 -8.49 5.70 11.99
N ALA A 60 -9.64 5.13 11.63
CA ALA A 60 -10.26 4.11 12.47
C ALA A 60 -9.49 2.80 12.27
N VAL A 61 -8.94 2.28 13.37
CA VAL A 61 -8.08 1.08 13.28
C VAL A 61 -8.54 0.02 14.29
N PRO A 62 -9.49 -0.84 13.93
CA PRO A 62 -9.93 -1.88 14.86
C PRO A 62 -9.15 -3.18 14.72
N VAL A 63 -9.55 -4.17 15.53
CA VAL A 63 -9.13 -5.54 15.29
C VAL A 63 -9.92 -6.08 14.10
N ASN A 64 -9.28 -6.96 13.33
CA ASN A 64 -9.87 -7.49 12.10
C ASN A 64 -10.31 -6.37 11.17
N MET A 65 -9.38 -5.45 10.94
CA MET A 65 -9.59 -4.36 10.00
C MET A 65 -9.63 -4.90 8.57
N ARG A 66 -10.49 -4.32 7.75
CA ARG A 66 -10.67 -4.74 6.37
C ARG A 66 -10.10 -3.70 5.42
N VAL A 67 -9.07 -4.08 4.68
CA VAL A 67 -8.31 -3.15 3.84
C VAL A 67 -8.29 -3.69 2.42
N LEU A 68 -8.71 -2.85 1.47
CA LEU A 68 -8.75 -3.21 0.06
C LEU A 68 -7.77 -2.30 -0.69
N HIS A 69 -6.91 -2.91 -1.50
CA HIS A 69 -5.83 -2.21 -2.19
C HIS A 69 -5.96 -2.48 -3.69
N LEU A 70 -6.41 -1.47 -4.44
CA LEU A 70 -6.62 -1.61 -5.87
C LEU A 70 -5.42 -1.08 -6.65
N GLY A 71 -5.13 -1.73 -7.77
CA GLY A 71 -3.95 -1.38 -8.54
C GLY A 71 -2.66 -1.72 -7.84
N ALA A 72 -2.56 -2.90 -7.24
CA ALA A 72 -1.42 -3.29 -6.42
C ALA A 72 -0.31 -3.99 -7.19
N GLY A 73 -0.53 -4.31 -8.47
CA GLY A 73 0.46 -5.06 -9.20
C GLY A 73 1.46 -4.16 -9.92
N SER A 74 2.61 -4.72 -10.24
CA SER A 74 3.64 -4.00 -10.98
C SER A 74 3.98 -4.80 -12.25
N GLU A 75 4.68 -4.12 -13.17
CA GLU A 75 5.11 -4.78 -14.39
C GLU A 75 6.14 -5.87 -14.10
N LYS A 76 6.80 -5.80 -12.95
CA LYS A 76 7.72 -6.85 -12.54
C LYS A 76 7.02 -7.96 -11.76
N GLY A 77 5.70 -7.88 -11.58
CA GLY A 77 4.96 -8.99 -11.03
C GLY A 77 4.99 -9.12 -9.52
N VAL A 78 5.46 -8.10 -8.81
CA VAL A 78 5.42 -8.10 -7.35
C VAL A 78 4.53 -6.95 -6.91
N ALA A 79 4.31 -6.80 -5.61
CA ALA A 79 3.40 -5.79 -5.08
C ALA A 79 4.10 -5.01 -3.98
N PRO A 80 4.92 -4.02 -4.35
CA PRO A 80 5.68 -3.29 -3.32
C PRO A 80 4.79 -2.53 -2.36
N GLY A 81 3.75 -1.87 -2.87
CA GLY A 81 2.83 -1.17 -1.98
C GLY A 81 2.11 -2.11 -1.03
N SER A 82 1.71 -3.29 -1.51
CA SER A 82 1.03 -4.24 -0.62
C SER A 82 1.96 -4.74 0.48
N ALA A 83 3.25 -4.90 0.17
CA ALA A 83 4.20 -5.25 1.22
C ALA A 83 4.27 -4.16 2.28
N VAL A 84 4.29 -2.89 1.86
CA VAL A 84 4.33 -1.80 2.84
C VAL A 84 3.06 -1.79 3.68
N LEU A 85 1.89 -1.93 3.03
CA LEU A 85 0.64 -1.99 3.78
C LEU A 85 0.64 -3.14 4.78
N ARG A 86 1.15 -4.30 4.37
CA ARG A 86 1.22 -5.45 5.28
C ARG A 86 2.14 -5.17 6.46
N GLN A 87 3.29 -4.52 6.20
CA GLN A 87 4.15 -4.08 7.28
C GLN A 87 3.43 -3.08 8.19
N TRP A 88 2.67 -2.16 7.59
CA TRP A 88 2.09 -1.02 8.32
C TRP A 88 0.90 -1.46 9.19
N LEU A 89 0.00 -2.24 8.62
CA LEU A 89 -1.27 -2.55 9.27
C LEU A 89 -1.07 -3.49 10.47
N PRO A 90 -1.90 -3.35 11.51
CA PRO A 90 -1.77 -4.26 12.67
C PRO A 90 -1.89 -5.71 12.23
N ALA A 91 -1.15 -6.57 12.92
CA ALA A 91 -1.27 -8.01 12.71
C ALA A 91 -2.72 -8.44 12.80
N GLY A 92 -3.10 -9.38 11.93
CA GLY A 92 -4.49 -9.80 11.82
C GLY A 92 -5.37 -8.90 10.97
N THR A 93 -4.80 -7.84 10.39
CA THR A 93 -5.57 -7.03 9.46
C THR A 93 -5.77 -7.79 8.16
N ILE A 94 -7.00 -7.76 7.65
CA ILE A 94 -7.37 -8.48 6.44
C ILE A 94 -7.06 -7.57 5.24
N LEU A 95 -5.92 -7.81 4.59
CA LEU A 95 -5.50 -7.03 3.44
C LEU A 95 -5.76 -7.82 2.15
N VAL A 96 -6.55 -7.23 1.26
CA VAL A 96 -6.96 -7.87 0.01
C VAL A 96 -6.63 -6.91 -1.12
N ASP A 97 -5.99 -7.41 -2.18
CA ASP A 97 -5.55 -6.51 -3.24
C ASP A 97 -5.93 -7.06 -4.61
N ASN A 98 -5.68 -6.23 -5.63
CA ASN A 98 -6.26 -6.42 -6.95
C ASN A 98 -5.38 -5.73 -7.97
N ASP A 99 -5.32 -6.32 -9.17
CA ASP A 99 -4.72 -5.68 -10.33
C ASP A 99 -5.24 -6.38 -11.57
N LEU A 100 -5.13 -5.67 -12.70
CA LEU A 100 -5.58 -6.23 -13.97
C LEU A 100 -4.79 -7.48 -14.32
N TYR A 101 -3.50 -7.51 -13.97
CA TYR A 101 -2.62 -8.54 -14.48
C TYR A 101 -2.00 -9.34 -13.34
N PRO A 102 -1.63 -10.60 -13.59
CA PRO A 102 -1.15 -11.45 -12.50
C PRO A 102 0.06 -10.86 -11.80
N PHE A 103 0.11 -11.06 -10.48
CA PHE A 103 1.26 -10.63 -9.70
C PHE A 103 1.25 -11.39 -8.39
N VAL A 104 2.34 -11.23 -7.64
CA VAL A 104 2.59 -12.01 -6.44
C VAL A 104 2.63 -11.04 -5.25
N SER A 105 1.86 -11.34 -4.21
CA SER A 105 1.58 -10.35 -3.18
C SER A 105 1.62 -10.96 -1.78
N ASP A 106 1.85 -10.10 -0.79
CA ASP A 106 1.79 -10.49 0.61
C ASP A 106 0.42 -10.25 1.23
N SER A 107 -0.57 -9.85 0.43
CA SER A 107 -1.94 -9.81 0.91
C SER A 107 -2.43 -11.21 1.22
N VAL A 108 -3.52 -11.30 1.99
CA VAL A 108 -4.10 -12.61 2.29
C VAL A 108 -4.87 -13.14 1.08
N ALA A 109 -5.38 -12.26 0.24
CA ALA A 109 -6.05 -12.67 -0.98
C ALA A 109 -5.70 -11.68 -2.09
N THR A 110 -5.55 -12.20 -3.31
CA THR A 110 -5.36 -11.39 -4.51
C THR A 110 -6.37 -11.83 -5.56
N TYR A 111 -7.01 -10.87 -6.20
CA TYR A 111 -7.89 -11.10 -7.33
C TYR A 111 -7.32 -10.44 -8.58
N PHE A 112 -7.19 -11.22 -9.66
CA PHE A 112 -6.71 -10.69 -10.93
C PHE A 112 -7.91 -10.31 -11.80
N GLY A 113 -7.89 -9.09 -12.31
CA GLY A 113 -8.94 -8.66 -13.22
C GLY A 113 -9.35 -7.21 -13.04
N ASP A 114 -10.30 -6.76 -13.86
CA ASP A 114 -10.87 -5.44 -13.68
C ASP A 114 -11.43 -5.34 -12.26
N CYS A 115 -11.05 -4.26 -11.55
CA CYS A 115 -11.59 -4.07 -10.20
C CYS A 115 -13.10 -4.20 -10.19
N ILE A 116 -13.75 -3.86 -11.30
CA ILE A 116 -15.20 -3.90 -11.42
C ILE A 116 -15.75 -5.28 -11.09
N THR A 117 -14.99 -6.34 -11.38
CA THR A 117 -15.44 -7.70 -11.15
C THR A 117 -14.94 -8.26 -9.82
N LEU A 118 -14.46 -7.43 -8.91
CA LEU A 118 -13.98 -7.95 -7.64
C LEU A 118 -15.09 -8.76 -6.95
N PRO A 119 -14.86 -10.02 -6.63
CA PRO A 119 -15.96 -10.91 -6.21
C PRO A 119 -16.34 -10.83 -4.74
N PHE A 120 -15.76 -9.92 -3.97
CA PHE A 120 -16.07 -9.77 -2.56
C PHE A 120 -17.12 -8.68 -2.39
N ASP A 121 -18.12 -8.97 -1.57
CA ASP A 121 -19.24 -8.05 -1.41
C ASP A 121 -19.30 -7.42 -0.01
N CYS A 122 -18.22 -7.54 0.77
CA CYS A 122 -18.26 -7.01 2.11
C CYS A 122 -18.03 -5.51 2.11
N GLN A 123 -18.28 -4.89 3.26
CA GLN A 123 -17.96 -3.49 3.47
C GLN A 123 -16.54 -3.37 4.00
N TRP A 124 -15.86 -2.30 3.61
CA TRP A 124 -14.43 -2.14 3.89
C TRP A 124 -14.23 -1.02 4.90
N ASP A 125 -13.07 -1.06 5.58
CA ASP A 125 -12.69 0.00 6.51
C ASP A 125 -11.69 0.98 5.92
N LEU A 126 -10.99 0.59 4.86
CA LEU A 126 -9.96 1.42 4.27
C LEU A 126 -9.73 0.91 2.86
N ILE A 127 -9.77 1.83 1.90
CA ILE A 127 -9.57 1.50 0.50
C ILE A 127 -8.41 2.35 0.00
N ILE A 128 -7.38 1.69 -0.52
CA ILE A 128 -6.24 2.35 -1.14
C ILE A 128 -6.26 2.00 -2.62
N SER A 129 -6.09 3.01 -3.47
CA SER A 129 -5.98 2.78 -4.90
C SER A 129 -4.70 3.42 -5.42
N ASP A 130 -3.96 2.66 -6.21
CA ASP A 130 -2.89 3.20 -7.04
C ASP A 130 -3.19 2.97 -8.50
N MET A 131 -4.44 2.66 -8.83
CA MET A 131 -4.82 2.43 -10.23
C MET A 131 -4.50 3.65 -11.06
N TYR A 132 -3.96 3.42 -12.25
CA TYR A 132 -3.51 4.48 -13.13
C TYR A 132 -3.33 3.91 -14.53
N ASP A 133 -3.83 4.61 -15.54
CA ASP A 133 -3.72 4.17 -16.95
C ASP A 133 -2.98 5.24 -17.72
N PRO A 134 -1.75 4.98 -18.21
CA PRO A 134 -0.98 6.03 -18.86
C PRO A 134 -1.37 6.45 -20.29
N ILE A 135 -1.65 7.74 -20.51
CA ILE A 135 -1.84 8.28 -21.90
C ILE A 135 -2.90 7.51 -22.69
N THR A 136 -3.89 6.95 -22.00
CA THR A 136 -5.06 6.37 -22.69
C THR A 136 -6.11 7.36 -22.20
N LYS A 137 -5.62 8.52 -21.79
CA LYS A 137 -6.49 9.59 -21.23
C LYS A 137 -7.52 10.14 -22.21
N ASN A 138 -8.56 10.79 -21.69
CA ASN A 138 -9.51 11.51 -22.51
C ASN A 138 -8.77 12.50 -23.42
N ILE A 139 -8.85 12.25 -24.72
CA ILE A 139 -8.23 13.11 -25.73
C ILE A 139 -9.08 14.38 -25.82
N GLY A 140 -8.57 15.38 -26.52
CA GLY A 140 -9.21 16.67 -26.62
C GLY A 140 -8.26 17.77 -26.18
N GLU A 141 -8.77 18.99 -26.22
CA GLU A 141 -7.99 20.13 -25.75
C GLU A 141 -8.19 20.40 -24.27
N TYR A 142 -9.07 19.66 -23.61
CA TYR A 142 -9.46 19.99 -22.24
C TYR A 142 -9.18 18.83 -21.29
N ASN A 143 -8.68 19.17 -20.11
CA ASN A 143 -8.47 18.23 -19.01
C ASN A 143 -9.80 18.04 -18.29
N VAL A 144 -10.50 16.96 -18.63
CA VAL A 144 -11.86 16.73 -18.17
C VAL A 144 -11.89 15.54 -17.21
N SER A 145 -12.99 15.43 -16.48
CA SER A 145 -13.16 14.34 -15.52
C SER A 145 -13.10 13.01 -16.24
N LYS A 146 -12.42 12.03 -15.62
CA LYS A 146 -12.28 10.69 -16.16
C LYS A 146 -13.18 9.72 -15.42
N ASP A 147 -13.65 8.70 -16.15
CA ASP A 147 -14.64 7.73 -15.70
C ASP A 147 -14.15 6.30 -15.85
N GLY A 148 -12.96 5.96 -15.39
CA GLY A 148 -12.60 4.58 -15.65
C GLY A 148 -12.93 3.72 -14.46
N PHE A 149 -11.88 3.20 -13.83
CA PHE A 149 -11.97 2.61 -12.50
C PHE A 149 -12.48 3.61 -11.46
N PHE A 150 -12.49 4.90 -11.77
CA PHE A 150 -13.01 5.89 -10.82
C PHE A 150 -14.49 5.67 -10.56
N THR A 151 -15.24 5.31 -11.61
CA THR A 151 -16.64 4.97 -11.41
C THR A 151 -16.78 3.90 -10.34
N TYR A 152 -15.93 2.88 -10.40
CA TYR A 152 -15.98 1.80 -9.42
C TYR A 152 -15.58 2.30 -8.03
N ILE A 153 -14.56 3.16 -7.95
CA ILE A 153 -14.13 3.71 -6.67
C ILE A 153 -15.26 4.50 -6.02
N CYS A 154 -15.94 5.35 -6.79
CA CYS A 154 -17.06 6.11 -6.25
C CYS A 154 -18.15 5.18 -5.73
N HIS A 155 -18.45 4.11 -6.49
CA HIS A 155 -19.46 3.16 -6.05
C HIS A 155 -19.06 2.48 -4.74
N MET A 156 -17.77 2.12 -4.59
CA MET A 156 -17.33 1.50 -3.36
C MET A 156 -17.42 2.45 -2.18
N ILE A 157 -17.15 3.74 -2.39
CA ILE A 157 -17.32 4.70 -1.31
C ILE A 157 -18.78 4.79 -0.90
N ARG A 158 -19.68 4.87 -1.90
CA ARG A 158 -21.10 5.09 -1.63
C ARG A 158 -21.76 3.87 -0.98
N ASP A 159 -21.34 2.65 -1.34
CA ASP A 159 -22.04 1.44 -0.92
C ASP A 159 -21.23 0.45 -0.09
N LYS A 160 -19.90 0.47 -0.18
CA LYS A 160 -19.09 -0.62 0.37
C LYS A 160 -18.02 -0.14 1.34
N LEU A 161 -18.20 1.04 1.92
CA LEU A 161 -17.23 1.59 2.87
C LEU A 161 -17.96 1.85 4.18
N ALA A 162 -17.46 1.25 5.26
CA ALA A 162 -18.10 1.42 6.56
C ALA A 162 -18.11 2.88 6.93
N LEU A 163 -19.17 3.29 7.64
CA LEU A 163 -19.17 4.61 8.25
C LEU A 163 -17.98 4.69 9.20
N GLY A 164 -17.20 5.75 9.07
CA GLY A 164 -15.95 5.86 9.80
C GLY A 164 -14.73 5.40 9.04
N GLY A 165 -14.90 4.67 7.93
CA GLY A 165 -13.77 4.26 7.11
C GLY A 165 -13.16 5.41 6.30
N SER A 166 -12.00 5.12 5.71
CA SER A 166 -11.23 6.12 4.99
C SER A 166 -10.79 5.56 3.63
N VAL A 167 -10.39 6.47 2.74
CA VAL A 167 -9.81 6.10 1.46
C VAL A 167 -8.57 6.94 1.19
N ALA A 168 -7.70 6.40 0.35
CA ALA A 168 -6.54 7.13 -0.20
C ALA A 168 -6.38 6.71 -1.65
N ILE A 169 -6.72 7.59 -2.58
CA ILE A 169 -6.87 7.28 -4.00
C ILE A 169 -5.84 8.07 -4.81
N LYS A 170 -4.98 7.36 -5.53
CA LYS A 170 -3.98 8.01 -6.38
C LYS A 170 -4.65 8.78 -7.52
N ILE A 171 -4.29 10.04 -7.68
CA ILE A 171 -4.71 10.85 -8.81
C ILE A 171 -3.46 11.49 -9.41
N THR A 172 -3.59 11.95 -10.65
CA THR A 172 -2.55 12.75 -11.29
C THR A 172 -3.24 13.93 -11.97
N GLU A 173 -2.47 14.72 -12.72
CA GLU A 173 -3.06 15.88 -13.36
C GLU A 173 -4.17 15.48 -14.33
N PHE A 174 -3.93 14.42 -15.12
CA PHE A 174 -4.96 13.95 -16.04
C PHE A 174 -5.83 12.84 -15.47
N SER A 175 -5.36 12.06 -14.50
CA SER A 175 -6.11 10.91 -13.95
C SER A 175 -6.85 11.35 -12.70
N TRP A 176 -8.10 11.76 -12.87
CA TRP A 176 -8.91 12.27 -11.76
C TRP A 176 -10.39 12.15 -12.13
N ASN A 177 -11.24 12.33 -11.13
CA ASN A 177 -12.68 12.22 -11.30
C ASN A 177 -13.38 13.24 -10.42
N ALA A 178 -14.33 13.99 -11.00
CA ALA A 178 -15.00 15.07 -10.28
C ALA A 178 -15.90 14.55 -9.16
N GLU A 179 -16.64 13.47 -9.40
CA GLU A 179 -17.51 12.93 -8.35
C GLU A 179 -16.69 12.45 -7.16
N LEU A 180 -15.52 11.84 -7.41
CA LEU A 180 -14.67 11.43 -6.30
C LEU A 180 -14.31 12.63 -5.43
N TYR A 181 -13.99 13.76 -6.05
CA TYR A 181 -13.72 14.95 -5.28
C TYR A 181 -14.95 15.37 -4.47
N LYS A 182 -16.13 15.31 -5.08
CA LYS A 182 -17.35 15.68 -4.36
C LYS A 182 -17.55 14.77 -3.15
N LEU A 183 -17.27 13.48 -3.32
CA LEU A 183 -17.46 12.54 -2.20
C LEU A 183 -16.51 12.81 -1.05
N MET A 184 -15.37 13.46 -1.29
CA MET A 184 -14.53 13.86 -0.16
C MET A 184 -15.25 14.80 0.79
N GLY A 185 -16.29 15.48 0.31
CA GLY A 185 -17.10 16.30 1.19
C GLY A 185 -17.92 15.51 2.19
N TYR A 186 -17.98 14.19 2.05
CA TYR A 186 -18.73 13.32 2.95
C TYR A 186 -17.86 12.72 4.05
N PHE A 187 -16.61 13.16 4.18
CA PHE A 187 -15.72 12.67 5.22
C PHE A 187 -15.51 13.74 6.27
N ALA A 188 -15.13 13.31 7.48
CA ALA A 188 -14.81 14.27 8.53
C ALA A 188 -13.69 15.19 8.10
N PHE A 189 -12.76 14.69 7.30
CA PHE A 189 -11.61 15.46 6.83
C PHE A 189 -11.15 14.88 5.50
N TRP A 190 -10.68 15.75 4.61
CA TRP A 190 -10.17 15.34 3.32
C TRP A 190 -9.01 16.24 2.92
N THR A 191 -8.06 15.69 2.17
CA THR A 191 -6.98 16.48 1.61
C THR A 191 -6.42 15.75 0.39
N VAL A 192 -5.36 16.32 -0.19
CA VAL A 192 -4.51 15.64 -1.16
C VAL A 192 -3.10 15.64 -0.59
N PHE A 193 -2.50 14.46 -0.48
CA PHE A 193 -1.16 14.31 0.05
C PHE A 193 -0.21 13.91 -1.06
N CYS A 194 0.91 14.63 -1.15
CA CYS A 194 1.95 14.37 -2.14
C CYS A 194 3.21 13.93 -1.42
N THR A 195 3.71 12.74 -1.74
CA THR A 195 4.89 12.23 -1.05
C THR A 195 6.11 13.05 -1.44
N ASN A 196 7.02 13.22 -0.48
CA ASN A 196 8.27 13.92 -0.79
C ASN A 196 9.11 13.16 -1.78
N ALA A 197 9.03 11.82 -1.77
CA ALA A 197 9.90 11.05 -2.65
C ALA A 197 9.56 11.25 -4.12
N ASN A 198 8.28 11.48 -4.42
CA ASN A 198 7.82 11.62 -5.79
C ASN A 198 7.41 13.06 -6.10
N ALA A 199 8.08 14.02 -5.48
CA ALA A 199 7.68 15.42 -5.57
C ALA A 199 7.75 15.94 -7.01
N SER A 200 8.48 15.26 -7.88
CA SER A 200 8.63 15.64 -9.27
C SER A 200 7.45 15.22 -10.16
N SER A 201 6.35 14.78 -9.56
CA SER A 201 5.22 14.22 -10.29
C SER A 201 3.95 14.93 -9.84
N SER A 202 2.98 15.03 -10.76
CA SER A 202 1.68 15.56 -10.41
C SER A 202 0.87 14.59 -9.56
N GLU A 203 1.38 13.37 -9.36
CA GLU A 203 0.71 12.41 -8.49
C GLU A 203 0.37 13.01 -7.14
N GLY A 204 -0.85 12.73 -6.69
CA GLY A 204 -1.24 13.04 -5.33
C GLY A 204 -2.14 11.92 -4.85
N PHE A 205 -2.25 11.79 -3.54
CA PHE A 205 -3.20 10.86 -2.95
C PHE A 205 -4.39 11.65 -2.41
N LEU A 206 -5.54 11.48 -3.04
CA LEU A 206 -6.78 12.10 -2.60
C LEU A 206 -7.33 11.27 -1.45
N ILE A 207 -7.41 11.90 -0.27
CA ILE A 207 -7.61 11.18 0.98
C ILE A 207 -8.88 11.67 1.65
N GLY A 208 -9.74 10.74 2.03
CA GLY A 208 -10.87 11.04 2.88
C GLY A 208 -10.74 10.24 4.16
N ILE A 209 -10.90 10.89 5.31
CA ILE A 209 -10.74 10.24 6.61
C ILE A 209 -12.08 10.26 7.34
N ASN A 210 -12.53 9.09 7.81
CA ASN A 210 -13.77 8.99 8.59
C ASN A 210 -15.03 9.33 7.79
N TYR A 211 -15.46 8.37 6.97
CA TYR A 211 -16.66 8.55 6.16
C TYR A 211 -17.91 8.78 7.02
N LEU A 212 -18.71 9.78 6.64
CA LEU A 212 -19.94 10.11 7.37
C LEU A 212 -21.23 9.82 6.60
N CYS A 213 -21.14 9.55 5.30
CA CYS A 213 -22.29 9.23 4.45
C CYS A 213 -23.23 10.41 4.25
N LYS A 214 -22.85 11.61 4.67
CA LYS A 214 -23.64 12.82 4.48
C LYS A 214 -22.71 13.96 4.07
N PRO A 215 -23.14 14.80 3.13
CA PRO A 215 -22.25 15.88 2.68
C PRO A 215 -22.01 16.88 3.80
N LYS A 216 -20.82 16.82 4.41
CA LYS A 216 -20.41 17.81 5.39
C LYS A 216 -20.06 19.14 4.73
N VAL A 217 -19.43 19.10 3.54
CA VAL A 217 -19.19 20.27 2.72
C VAL A 217 -19.59 19.92 1.28
N GLU A 218 -19.85 20.96 0.49
CA GLU A 218 -20.27 20.77 -0.90
C GLU A 218 -19.10 21.14 -1.81
N ILE A 219 -18.64 20.19 -2.61
CA ILE A 219 -17.43 20.35 -3.40
C ILE A 219 -17.79 20.18 -4.86
N ASP A 220 -17.45 21.19 -5.66
CA ASP A 220 -17.50 21.04 -7.12
C ASP A 220 -16.21 20.34 -7.54
N GLY A 221 -16.35 19.08 -7.96
CA GLY A 221 -15.16 18.27 -8.24
C GLY A 221 -14.28 18.88 -9.31
N ASN A 222 -14.88 19.41 -10.37
CA ASN A 222 -14.10 20.02 -11.44
C ASN A 222 -13.26 21.19 -10.92
N VAL A 223 -13.87 22.06 -10.12
CA VAL A 223 -13.13 23.18 -9.53
C VAL A 223 -12.05 22.66 -8.59
N MET A 224 -12.38 21.66 -7.76
CA MET A 224 -11.43 21.19 -6.76
C MET A 224 -10.14 20.67 -7.39
N HIS A 225 -10.25 19.90 -8.48
CA HIS A 225 -9.02 19.39 -9.09
C HIS A 225 -8.18 20.54 -9.63
N ALA A 226 -8.84 21.51 -10.29
CA ALA A 226 -8.11 22.70 -10.72
C ALA A 226 -7.44 23.38 -9.55
N ASN A 227 -8.11 23.42 -8.39
CA ASN A 227 -7.48 24.00 -7.20
C ASN A 227 -6.24 23.21 -6.82
N TYR A 228 -6.31 21.87 -6.90
CA TYR A 228 -5.15 21.06 -6.55
C TYR A 228 -3.98 21.35 -7.51
N LEU A 229 -4.25 21.43 -8.80
CA LEU A 229 -3.20 21.77 -9.76
C LEU A 229 -2.66 23.16 -9.52
N PHE A 230 -3.55 24.12 -9.20
CA PHE A 230 -3.06 25.46 -8.89
C PHE A 230 -2.12 25.44 -7.69
N TRP A 231 -2.39 24.57 -6.70
CA TRP A 231 -1.48 24.44 -5.58
C TRP A 231 -0.13 23.85 -6.00
N ARG A 232 -0.14 22.81 -6.84
CA ARG A 232 1.14 22.27 -7.30
C ARG A 232 1.89 23.28 -8.16
N ASN A 233 1.16 24.14 -8.87
CA ASN A 233 1.78 25.14 -9.73
C ASN A 233 2.42 26.30 -8.96
N SER A 234 1.95 26.60 -7.75
CA SER A 234 2.46 27.74 -7.01
C SER A 234 3.29 27.34 -5.79
N THR A 235 3.84 26.13 -5.79
CA THR A 235 4.77 25.70 -4.76
C THR A 235 5.93 24.96 -5.42
N VAL A 236 7.10 25.04 -4.80
CA VAL A 236 8.31 24.43 -5.33
C VAL A 236 8.91 23.58 -4.22
N TRP A 237 9.07 22.28 -4.48
CA TRP A 237 9.64 21.34 -3.52
C TRP A 237 10.85 20.67 -4.12
N ASN A 238 11.92 20.54 -3.34
CA ASN A 238 13.05 19.71 -3.76
C ASN A 238 12.61 18.27 -3.97
N GLY A 239 11.78 17.76 -3.06
CA GLY A 239 11.63 16.34 -2.88
C GLY A 239 12.66 15.81 -1.89
N GLY A 240 12.43 14.59 -1.42
CA GLY A 240 13.34 13.98 -0.48
C GLY A 240 12.80 12.71 0.13
N ALA A 241 13.69 11.92 0.74
CA ALA A 241 13.30 10.68 1.39
C ALA A 241 13.86 10.57 2.80
N TYR A 242 14.20 11.69 3.43
CA TYR A 242 14.82 11.64 4.76
C TYR A 242 13.86 11.08 5.81
N SER A 243 12.55 11.29 5.66
CA SER A 243 11.61 10.73 6.62
C SER A 243 11.70 9.21 6.70
N LEU A 244 12.23 8.57 5.66
CA LEU A 244 12.40 7.12 5.62
C LEU A 244 13.46 6.59 6.59
N PHE A 245 14.27 7.47 7.18
CA PHE A 245 15.23 7.08 8.20
C PHE A 245 14.68 7.23 9.61
N ASP A 246 13.39 7.55 9.73
CA ASP A 246 12.69 7.62 11.01
C ASP A 246 11.54 6.62 10.95
N MET A 247 11.86 5.36 11.26
CA MET A 247 10.91 4.26 11.13
C MET A 247 10.49 3.67 12.46
N ALA A 248 10.93 4.26 13.58
CA ALA A 248 10.64 3.67 14.87
C ALA A 248 9.16 3.68 15.18
N LYS A 249 8.43 4.68 14.68
CA LYS A 249 7.00 4.79 14.95
C LYS A 249 6.14 4.42 13.74
N PHE A 250 6.72 3.81 12.72
CA PHE A 250 5.97 3.53 11.50
C PHE A 250 4.70 2.73 11.74
N PRO A 251 4.71 1.62 12.48
CA PRO A 251 3.55 0.72 12.46
C PRO A 251 2.28 1.40 12.95
N LEU A 252 1.19 1.13 12.25
CA LEU A 252 -0.10 1.72 12.60
C LEU A 252 -0.64 1.04 13.87
N LYS A 253 -0.90 1.84 14.89
CA LYS A 253 -1.33 1.30 16.17
C LYS A 253 -2.84 1.10 16.16
N LEU A 254 -3.29 0.02 16.82
CA LEU A 254 -4.71 -0.10 17.06
C LEU A 254 -5.19 1.15 17.77
N ALA A 255 -6.27 1.73 17.25
CA ALA A 255 -6.61 3.10 17.60
C ALA A 255 -7.56 3.22 18.77
N GLY A 256 -8.07 2.12 19.30
CA GLY A 256 -9.18 2.22 20.22
C GLY A 256 -10.46 2.39 19.45
N THR A 257 -10.74 1.47 18.55
CA THR A 257 -11.83 1.57 17.59
C THR A 257 -12.79 0.41 17.78
N ALA A 258 -14.07 0.73 17.84
CA ALA A 258 -15.11 -0.29 17.96
C ALA A 258 -15.82 -0.46 16.61
N VAL A 259 -16.30 -1.66 16.37
CA VAL A 259 -17.12 -1.97 15.20
C VAL A 259 -18.50 -2.36 15.70
N ILE A 260 -19.53 -1.67 15.21
CA ILE A 260 -20.90 -1.89 15.62
C ILE A 260 -21.79 -1.89 14.39
N ASN A 261 -22.66 -2.89 14.29
CA ASN A 261 -23.59 -3.02 13.18
C ASN A 261 -24.83 -2.15 13.42
N LEU A 262 -24.59 -0.85 13.60
CA LEU A 262 -25.68 0.06 13.93
C LEU A 262 -26.65 0.21 12.75
N ARG A 263 -27.91 0.49 13.09
CA ARG A 263 -28.91 0.77 12.08
C ARG A 263 -28.82 2.24 11.64
N ALA A 264 -29.34 2.52 10.45
CA ALA A 264 -29.38 3.90 9.99
C ALA A 264 -30.21 4.78 10.92
N ASP A 265 -31.12 4.18 11.70
CA ASP A 265 -31.94 4.95 12.61
C ASP A 265 -31.27 5.21 13.95
N GLN A 266 -30.08 4.67 14.21
CA GLN A 266 -29.36 4.88 15.46
C GLN A 266 -28.18 5.85 15.32
N ILE A 267 -28.07 6.57 14.21
CA ILE A 267 -26.86 7.39 13.94
C ILE A 267 -27.17 8.78 14.49
N ASN A 268 -26.96 8.95 15.79
CA ASN A 268 -27.27 10.20 16.46
C ASN A 268 -26.03 11.09 16.60
N ASP A 269 -26.16 12.14 17.42
CA ASP A 269 -25.10 13.13 17.58
C ASP A 269 -23.82 12.51 18.15
N MET A 270 -23.95 11.68 19.17
CA MET A 270 -22.79 11.04 19.77
C MET A 270 -22.06 10.16 18.76
N VAL A 271 -22.81 9.33 18.04
CA VAL A 271 -22.23 8.47 17.01
C VAL A 271 -21.33 9.30 16.09
N TYR A 272 -21.86 10.42 15.59
CA TYR A 272 -21.09 11.21 14.64
C TYR A 272 -19.79 11.71 15.25
N SER A 273 -19.83 12.21 16.49
CA SER A 273 -18.58 12.66 17.08
C SER A 273 -17.61 11.51 17.28
N LEU A 274 -18.13 10.29 17.51
CA LEU A 274 -17.27 9.11 17.58
C LEU A 274 -16.69 8.77 16.20
N LEU A 275 -17.49 8.90 15.14
CA LEU A 275 -16.98 8.64 13.80
C LEU A 275 -15.86 9.59 13.43
N GLU A 276 -16.02 10.89 13.75
CA GLU A 276 -15.01 11.89 13.44
C GLU A 276 -13.71 11.70 14.19
N LYS A 277 -13.68 10.90 15.26
CA LYS A 277 -12.46 10.68 16.02
C LYS A 277 -11.75 9.36 15.67
N GLY A 278 -12.26 8.62 14.70
CA GLY A 278 -11.69 7.31 14.45
C GLY A 278 -12.00 6.27 15.51
N LYS A 279 -13.05 6.48 16.29
CA LYS A 279 -13.38 5.60 17.39
C LYS A 279 -14.45 4.58 17.04
N LEU A 280 -15.01 4.65 15.83
CA LEU A 280 -16.19 3.83 15.52
C LEU A 280 -16.23 3.55 14.02
N LEU A 281 -16.44 2.29 13.69
CA LEU A 281 -16.75 1.86 12.33
C LEU A 281 -18.14 1.23 12.35
N ILE A 282 -18.97 1.60 11.39
CA ILE A 282 -20.32 1.06 11.30
C ILE A 282 -20.37 0.12 10.10
N ARG A 283 -20.51 -1.16 10.37
CA ARG A 283 -20.65 -2.20 9.36
C ARG A 283 -20.97 -3.48 10.10
N ASP A 284 -21.25 -4.55 9.36
CA ASP A 284 -21.35 -5.85 9.98
C ASP A 284 -20.03 -6.22 10.63
N THR A 285 -20.10 -6.93 11.75
CA THR A 285 -18.96 -7.15 12.63
C THR A 285 -18.26 -8.49 12.44
N ASN A 286 -18.75 -9.35 11.55
CA ASN A 286 -18.17 -10.68 11.50
C ASN A 286 -16.80 -10.67 10.86
N LYS A 287 -15.90 -11.50 11.40
CA LYS A 287 -14.58 -11.69 10.82
C LYS A 287 -14.72 -12.32 9.44
N GLU A 288 -14.26 -11.61 8.43
CA GLU A 288 -14.26 -12.14 7.07
C GLU A 288 -13.10 -13.12 6.94
N VAL A 289 -13.42 -14.36 6.57
CA VAL A 289 -12.45 -15.46 6.57
C VAL A 289 -12.07 -15.77 5.13
N PHE A 290 -10.81 -15.52 4.79
CA PHE A 290 -10.26 -15.83 3.47
C PHE A 290 -9.44 -17.12 3.54
N VAL A 291 -9.46 -17.86 2.44
CA VAL A 291 -8.79 -19.15 2.40
C VAL A 291 -7.30 -19.00 2.65
N GLY A 292 -6.70 -17.92 2.17
CA GLY A 292 -5.27 -17.71 2.27
C GLY A 292 -4.79 -16.97 3.50
N ASP A 293 -5.64 -16.72 4.49
CA ASP A 293 -5.22 -16.04 5.70
C ASP A 293 -4.79 -17.06 6.73
N SER A 294 -3.56 -16.93 7.22
CA SER A 294 -3.07 -17.76 8.30
C SER A 294 -3.76 -17.32 9.60
N LEU A 295 -4.71 -18.12 10.06
CA LEU A 295 -5.73 -17.66 10.97
C LEU A 295 -5.46 -18.09 12.42
N SER B 2 10.53 -13.34 -17.25
CA SER B 2 11.87 -13.79 -16.91
C SER B 2 12.10 -15.25 -17.33
N SER B 3 13.31 -15.52 -17.82
CA SER B 3 13.60 -16.85 -18.36
C SER B 3 13.75 -17.89 -17.26
N ILE B 4 14.47 -17.55 -16.19
CA ILE B 4 14.73 -18.54 -15.14
C ILE B 4 13.44 -18.90 -14.41
N LEU B 5 12.59 -17.91 -14.12
CA LEU B 5 11.33 -18.19 -13.45
C LEU B 5 10.46 -19.10 -14.31
N SER B 6 10.53 -18.94 -15.63
CA SER B 6 9.75 -19.79 -16.53
C SER B 6 10.34 -21.20 -16.59
N LEU B 7 11.67 -21.32 -16.58
CA LEU B 7 12.30 -22.64 -16.47
C LEU B 7 11.93 -23.31 -15.15
N CYS B 8 11.94 -22.55 -14.06
CA CYS B 8 11.57 -23.10 -12.76
C CYS B 8 10.14 -23.62 -12.78
N ALA B 9 9.21 -22.84 -13.34
CA ALA B 9 7.82 -23.23 -13.39
C ALA B 9 7.58 -24.42 -14.31
N PHE B 10 8.45 -24.67 -15.28
CA PHE B 10 8.32 -25.85 -16.11
C PHE B 10 8.84 -27.11 -15.44
N SER B 11 9.61 -26.97 -14.36
CA SER B 11 10.34 -28.09 -13.81
C SER B 11 9.65 -28.64 -12.57
N VAL B 12 9.95 -29.91 -12.29
CA VAL B 12 9.37 -30.62 -11.15
C VAL B 12 9.90 -30.06 -9.85
N ASP B 13 11.14 -29.57 -9.84
CA ASP B 13 11.82 -29.08 -8.64
C ASP B 13 12.30 -27.66 -8.91
N PRO B 14 11.43 -26.66 -8.73
CA PRO B 14 11.86 -25.27 -8.97
C PRO B 14 13.08 -24.88 -8.17
N LYS B 15 13.22 -25.40 -6.95
CA LYS B 15 14.34 -25.03 -6.09
C LYS B 15 15.65 -25.52 -6.68
N LYS B 16 15.72 -26.81 -7.01
CA LYS B 16 16.90 -27.36 -7.67
C LYS B 16 17.22 -26.59 -8.95
N THR B 17 16.20 -26.37 -9.80
CA THR B 17 16.44 -25.69 -11.06
C THR B 17 17.07 -24.32 -10.84
N TYR B 18 16.57 -23.57 -9.85
CA TYR B 18 17.13 -22.24 -9.60
C TYR B 18 18.53 -22.32 -9.03
N LEU B 19 18.74 -23.16 -8.00
CA LEU B 19 20.05 -23.27 -7.38
C LEU B 19 21.10 -23.76 -8.37
N ASP B 20 20.77 -24.78 -9.17
CA ASP B 20 21.68 -25.21 -10.24
C ASP B 20 21.98 -24.05 -11.18
N PHE B 21 20.98 -23.23 -11.49
CA PHE B 21 21.16 -22.10 -12.40
C PHE B 21 22.09 -21.05 -11.81
N ILE B 22 21.95 -20.77 -10.50
CA ILE B 22 22.86 -19.86 -9.83
C ILE B 22 24.29 -20.39 -9.90
N GLN B 23 24.48 -21.65 -9.53
CA GLN B 23 25.82 -22.26 -9.55
C GLN B 23 26.44 -22.23 -10.94
N GLN B 24 25.63 -22.16 -12.00
CA GLN B 24 26.12 -22.16 -13.36
C GLN B 24 26.35 -20.77 -13.92
N GLY B 25 26.31 -19.73 -13.09
CA GLY B 25 26.54 -18.37 -13.54
C GLY B 25 25.31 -17.55 -13.79
N GLY B 26 24.12 -18.04 -13.43
CA GLY B 26 22.92 -17.29 -13.70
C GLY B 26 22.84 -16.03 -12.86
N THR B 27 22.05 -15.07 -13.34
CA THR B 27 22.02 -13.91 -12.46
C THR B 27 20.80 -13.96 -11.56
N PRO B 28 20.97 -13.60 -10.28
CA PRO B 28 19.92 -13.81 -9.27
C PRO B 28 18.55 -13.26 -9.65
N ILE B 29 17.50 -13.81 -9.04
CA ILE B 29 16.18 -13.22 -9.18
C ILE B 29 16.23 -11.79 -8.66
N ALA B 30 15.60 -10.88 -9.39
CA ALA B 30 15.60 -9.46 -9.07
C ALA B 30 14.20 -9.01 -8.67
N ASN B 31 14.11 -7.76 -8.24
CA ASN B 31 12.85 -7.15 -7.85
C ASN B 31 12.27 -7.77 -6.57
N CYS B 32 13.11 -8.35 -5.73
CA CYS B 32 12.70 -8.67 -4.37
C CYS B 32 12.39 -7.36 -3.63
N VAL B 33 11.31 -7.36 -2.85
CA VAL B 33 10.78 -6.15 -2.25
C VAL B 33 11.45 -5.93 -0.90
N LYS B 34 12.42 -5.02 -0.86
CA LYS B 34 13.15 -4.69 0.35
C LYS B 34 12.43 -3.57 1.10
N MET B 35 12.16 -3.81 2.39
CA MET B 35 11.41 -2.88 3.21
C MET B 35 12.33 -1.88 3.91
N LEU B 36 11.75 -0.74 4.27
CA LEU B 36 12.37 0.20 5.19
C LEU B 36 11.95 -0.15 6.60
N CYS B 37 12.89 -0.14 7.53
CA CYS B 37 12.60 -0.48 8.92
C CYS B 37 13.61 0.21 9.82
N ASP B 38 13.37 0.15 11.13
CA ASP B 38 14.21 0.84 12.09
C ASP B 38 15.45 0.04 12.48
N HIS B 39 15.58 -1.19 11.99
CA HIS B 39 16.73 -2.05 12.24
C HIS B 39 17.00 -2.24 13.72
N ALA B 40 15.96 -2.09 14.55
CA ALA B 40 16.02 -2.41 15.96
C ALA B 40 15.32 -3.72 16.30
N GLY B 41 15.35 -4.69 15.38
CA GLY B 41 14.65 -5.94 15.59
C GLY B 41 15.48 -6.97 16.34
N THR B 42 14.86 -8.11 16.60
CA THR B 42 15.58 -9.19 17.27
C THR B 42 16.37 -10.08 16.31
N GLY B 43 16.02 -10.10 15.03
CA GLY B 43 16.82 -10.81 14.05
C GLY B 43 16.34 -12.18 13.66
N MET B 44 15.11 -12.55 14.02
CA MET B 44 14.56 -13.84 13.62
C MET B 44 14.38 -13.89 12.10
N ALA B 45 14.18 -15.10 11.59
CA ALA B 45 14.27 -15.34 10.15
C ALA B 45 13.01 -14.87 9.42
N ILE B 46 11.85 -15.37 9.84
CA ILE B 46 10.57 -15.08 9.18
C ILE B 46 9.60 -14.61 10.26
N THR B 47 9.11 -13.38 10.12
CA THR B 47 8.42 -12.70 11.20
C THR B 47 7.17 -12.01 10.69
N VAL B 48 6.25 -11.72 11.63
CA VAL B 48 4.98 -11.08 11.27
C VAL B 48 5.19 -9.68 10.71
N LYS B 49 6.18 -8.96 11.23
CA LYS B 49 6.55 -7.63 10.77
C LYS B 49 8.05 -7.62 10.59
N PRO B 50 8.59 -6.60 9.92
CA PRO B 50 10.05 -6.53 9.77
C PRO B 50 10.73 -6.61 11.13
N ASP B 51 11.83 -7.36 11.19
CA ASP B 51 12.52 -7.65 12.44
C ASP B 51 14.04 -7.63 12.28
N ALA B 52 14.54 -6.86 11.33
CA ALA B 52 15.97 -6.84 11.05
C ALA B 52 16.74 -6.14 12.16
N THR B 53 17.96 -6.62 12.39
CA THR B 53 18.98 -5.90 13.14
C THR B 53 19.71 -5.00 12.17
N THR B 54 20.68 -4.23 12.68
CA THR B 54 21.53 -3.46 11.76
C THR B 54 22.35 -4.37 10.87
N SER B 55 22.36 -5.67 11.15
CA SER B 55 23.09 -6.64 10.34
C SER B 55 22.25 -7.24 9.22
N GLN B 56 20.99 -6.84 9.07
CA GLN B 56 20.09 -7.53 8.14
C GLN B 56 19.30 -6.55 7.28
N ASP B 57 18.91 -7.04 6.10
CA ASP B 57 17.82 -6.48 5.32
C ASP B 57 16.55 -7.27 5.61
N SER B 58 15.40 -6.62 5.37
CA SER B 58 14.10 -7.25 5.55
C SER B 58 13.30 -7.15 4.26
N TYR B 59 12.72 -8.28 3.82
CA TYR B 59 12.08 -8.39 2.53
C TYR B 59 10.65 -8.86 2.68
N GLY B 60 9.77 -8.37 1.80
CA GLY B 60 8.44 -8.95 1.65
C GLY B 60 8.53 -10.42 1.28
N GLY B 61 7.88 -11.28 2.06
CA GLY B 61 8.13 -12.72 1.93
C GLY B 61 7.81 -13.25 0.56
N ALA B 62 6.64 -12.87 0.02
CA ALA B 62 6.22 -13.43 -1.27
C ALA B 62 7.25 -13.15 -2.37
N SER B 63 7.90 -11.98 -2.31
CA SER B 63 8.83 -11.61 -3.37
C SER B 63 10.14 -12.40 -3.33
N VAL B 64 10.43 -13.11 -2.24
CA VAL B 64 11.65 -13.90 -2.14
C VAL B 64 11.36 -15.39 -2.16
N CYS B 65 10.15 -15.78 -2.52
CA CYS B 65 9.75 -17.19 -2.55
C CYS B 65 9.75 -17.67 -4.00
N ILE B 66 10.64 -18.62 -4.30
CA ILE B 66 10.76 -19.12 -5.66
C ILE B 66 9.41 -19.61 -6.17
N TYR B 67 8.66 -20.30 -5.30
CA TYR B 67 7.37 -20.86 -5.71
C TYR B 67 6.35 -19.76 -5.99
N CYS B 68 6.27 -18.75 -5.12
CA CYS B 68 5.42 -17.60 -5.41
C CYS B 68 5.85 -16.92 -6.71
N ARG B 69 7.14 -16.62 -6.85
CA ARG B 69 7.60 -15.86 -8.01
C ARG B 69 7.42 -16.65 -9.31
N ALA B 70 7.59 -17.97 -9.27
CA ALA B 70 7.47 -18.77 -10.48
C ALA B 70 6.04 -19.16 -10.79
N ARG B 71 5.10 -18.88 -9.88
CA ARG B 71 3.70 -19.21 -10.09
C ARG B 71 3.49 -20.72 -10.20
N VAL B 72 4.14 -21.47 -9.30
CA VAL B 72 3.86 -22.91 -9.21
C VAL B 72 3.43 -23.22 -7.79
N GLU B 73 2.78 -24.37 -7.65
CA GLU B 73 2.33 -24.81 -6.34
C GLU B 73 3.52 -24.98 -5.40
N HIS B 74 3.27 -24.76 -4.11
CA HIS B 74 4.30 -24.98 -3.12
C HIS B 74 4.46 -26.47 -2.80
N PRO B 75 5.58 -26.84 -2.19
CA PRO B 75 5.82 -28.26 -1.87
C PRO B 75 4.69 -28.94 -1.10
N ASP B 76 4.05 -28.26 -0.16
CA ASP B 76 2.94 -28.81 0.62
C ASP B 76 1.63 -28.26 0.08
N VAL B 77 0.97 -29.03 -0.78
CA VAL B 77 -0.20 -28.49 -1.48
C VAL B 77 -1.36 -28.24 -0.53
N ASP B 78 -1.35 -28.87 0.65
CA ASP B 78 -2.44 -28.59 1.58
C ASP B 78 -2.20 -27.33 2.39
N GLY B 79 -0.95 -26.94 2.61
CA GLY B 79 -0.62 -25.83 3.47
C GLY B 79 -0.59 -24.50 2.74
N LEU B 80 -0.10 -23.48 3.45
CA LEU B 80 0.08 -22.14 2.92
C LEU B 80 1.56 -21.81 2.93
N CYS B 81 1.97 -21.01 1.95
CA CYS B 81 3.36 -20.55 1.89
C CYS B 81 3.77 -19.96 3.23
N LYS B 82 4.95 -20.35 3.69
CA LYS B 82 5.46 -19.83 4.95
C LYS B 82 6.04 -18.43 4.82
N LEU B 83 6.36 -18.00 3.61
CA LEU B 83 6.95 -16.69 3.38
C LEU B 83 5.91 -15.64 3.05
N ARG B 84 4.93 -15.97 2.21
CA ARG B 84 3.94 -15.00 1.76
C ARG B 84 3.24 -14.38 2.97
N GLY B 85 3.11 -13.05 2.96
CA GLY B 85 2.45 -12.36 4.05
C GLY B 85 3.30 -12.11 5.27
N LYS B 86 4.56 -12.54 5.26
CA LYS B 86 5.49 -12.24 6.35
C LYS B 86 6.74 -11.58 5.78
N PHE B 87 7.72 -11.35 6.65
CA PHE B 87 8.92 -10.64 6.26
C PHE B 87 10.15 -11.48 6.58
N VAL B 88 11.12 -11.44 5.67
CA VAL B 88 12.28 -12.32 5.68
C VAL B 88 13.53 -11.48 5.91
N GLN B 89 14.30 -11.84 6.93
CA GLN B 89 15.52 -11.13 7.26
C GLN B 89 16.71 -11.90 6.70
N VAL B 90 17.59 -11.20 6.00
CA VAL B 90 18.81 -11.80 5.45
C VAL B 90 20.00 -10.90 5.78
N PRO B 91 21.23 -11.38 5.63
CA PRO B 91 22.39 -10.51 5.84
C PRO B 91 22.32 -9.29 4.93
N VAL B 92 22.74 -8.14 5.48
CA VAL B 92 22.48 -6.84 4.85
C VAL B 92 23.12 -6.72 3.47
N GLY B 93 24.25 -7.36 3.23
CA GLY B 93 24.84 -7.26 1.90
C GLY B 93 24.02 -7.92 0.81
N ILE B 94 23.33 -9.02 1.14
CA ILE B 94 23.08 -10.10 0.19
C ILE B 94 22.45 -9.58 -1.09
N LYS B 95 22.86 -10.18 -2.22
CA LYS B 95 22.35 -9.86 -3.56
C LYS B 95 21.43 -10.94 -4.13
N ASP B 96 21.39 -12.13 -3.53
CA ASP B 96 20.56 -13.24 -3.99
C ASP B 96 19.71 -13.73 -2.82
N PRO B 97 18.73 -12.91 -2.41
CA PRO B 97 17.90 -13.32 -1.26
C PRO B 97 17.13 -14.61 -1.51
N VAL B 98 16.73 -14.87 -2.76
CA VAL B 98 16.01 -16.11 -3.05
C VAL B 98 16.90 -17.32 -2.76
N SER B 99 18.16 -17.26 -3.20
CA SER B 99 19.10 -18.34 -2.88
C SER B 99 19.26 -18.51 -1.38
N TYR B 100 19.45 -17.40 -0.66
CA TYR B 100 19.64 -17.50 0.79
C TYR B 100 18.48 -18.20 1.46
N VAL B 101 17.25 -17.87 1.06
CA VAL B 101 16.08 -18.48 1.66
C VAL B 101 16.02 -19.97 1.34
N LEU B 102 16.46 -20.37 0.14
CA LEU B 102 16.35 -21.76 -0.30
C LEU B 102 17.39 -22.67 0.32
N THR B 103 18.46 -22.13 0.90
CA THR B 103 19.59 -22.91 1.37
C THR B 103 19.81 -22.81 2.88
N HIS B 104 18.89 -22.19 3.60
CA HIS B 104 18.96 -22.11 5.05
C HIS B 104 17.65 -22.63 5.65
N ASP B 105 17.71 -23.02 6.91
CA ASP B 105 16.54 -23.52 7.62
C ASP B 105 16.29 -22.70 8.86
N VAL B 106 15.01 -22.53 9.18
CA VAL B 106 14.59 -21.80 10.36
C VAL B 106 14.51 -22.78 11.52
N CYS B 107 15.27 -22.53 12.58
CA CYS B 107 15.05 -23.30 13.80
C CYS B 107 13.61 -23.12 14.25
N ARG B 108 12.98 -24.22 14.65
CA ARG B 108 11.55 -24.22 14.90
C ARG B 108 11.18 -23.86 16.34
N VAL B 109 12.15 -23.54 17.20
CA VAL B 109 11.87 -23.16 18.58
C VAL B 109 12.28 -21.72 18.87
N CYS B 110 13.40 -21.25 18.32
CA CYS B 110 13.84 -19.88 18.59
C CYS B 110 13.55 -18.92 17.44
N GLY B 111 13.30 -19.42 16.23
CA GLY B 111 12.89 -18.60 15.11
C GLY B 111 14.00 -17.95 14.31
N PHE B 112 15.25 -18.09 14.74
CA PHE B 112 16.36 -17.57 13.95
C PHE B 112 16.73 -18.56 12.85
N TRP B 113 17.53 -18.10 11.90
CA TRP B 113 18.08 -19.00 10.90
C TRP B 113 19.05 -19.96 11.57
N ARG B 114 19.16 -21.16 11.01
CA ARG B 114 20.19 -22.11 11.45
C ARG B 114 21.48 -21.88 10.67
N ASP B 115 22.03 -20.68 10.80
CA ASP B 115 23.30 -20.30 10.21
C ASP B 115 24.14 -19.52 11.21
N GLY B 116 24.23 -20.01 12.44
CA GLY B 116 25.03 -19.39 13.47
C GLY B 116 24.30 -18.38 14.33
N SER B 117 23.04 -18.08 14.02
CA SER B 117 22.20 -17.21 14.83
C SER B 117 21.40 -18.00 15.85
N CYS B 118 20.88 -19.15 15.46
CA CYS B 118 20.23 -20.06 16.39
C CYS B 118 21.25 -20.59 17.40
N SER B 119 20.82 -20.69 18.65
CA SER B 119 21.68 -21.16 19.74
C SER B 119 21.15 -22.40 20.45
N CYS B 120 20.07 -22.99 19.95
CA CYS B 120 19.39 -24.06 20.68
C CYS B 120 20.20 -25.36 20.70
N VAL B 121 19.67 -26.32 21.46
CA VAL B 121 20.32 -27.60 21.76
C VAL B 121 21.76 -27.37 22.21
#